data_6X1V
#
_entry.id   6X1V
#
_cell.length_a   50.408
_cell.length_b   66.296
_cell.length_c   58.578
_cell.angle_alpha   90.000
_cell.angle_beta   94.944
_cell.angle_gamma   90.000
#
_symmetry.space_group_name_H-M   'P 1 21 1'
#
loop_
_entity.id
_entity.type
_entity.pdbx_description
1 polymer 'SC44-8 Light chain'
2 polymer 'SC44-8 Heavy chain'
3 polymer 'ACLYana-3-pTza peptide'
4 non-polymer 1,2-ETHANEDIOL
5 water water
#
loop_
_entity_poly.entity_id
_entity_poly.type
_entity_poly.pdbx_seq_one_letter_code
_entity_poly.pdbx_strand_id
1 'polypeptide(L)'
;QVLTQTPSFTSAAVGGTVTINCQSSQSVWRNKNLAWYQQKPGQPPKRLIYAIATLDSGVPSRFSGSGSGTQFTLTISDVQ
CDDAATYYCVGHYGSENDAYYAFGGGTEVVVKDPVAPTVLIFPPAADQVATGTVTIVCVANKYFPDVTVTWEVDGTTQTT
GIENSKTPQNSADCTYNLSSTLTLTSTQYNSHKEYTCKVTQGTTSVVQSFNRGDC
;
L
2 'polypeptide(L)'
;QSVKESGRGLVQPGGSLTLTCTASGFSIDSYGFSWVRQAPGKGLEHIGYLTAGGRAFYASWAKSRSTITRNTNENTVTLK
MTSLTAADTATYFCAKLGSGNPVAIWGPGTLVTVSSSSGQPKAPSVFPLAPCCGDTPSSTVTLGCLVKGYLPEPVTVTWN
SGTLTNGVRTFPSVRQSSGLYSLSSVVSVTSSSQPVTCNVAHPATNTKVDKTVAPSTCSHHHHHH
;
H
3 'polypeptide(L)' AGAG(UKD)AGAG D
#
# COMPACT_ATOMS: atom_id res chain seq x y z
N GLN A 1 20.08 -5.63 -14.59
CA GLN A 1 18.82 -5.30 -15.25
C GLN A 1 18.53 -6.26 -16.39
N VAL A 2 17.90 -7.39 -16.06
CA VAL A 2 17.47 -8.32 -17.10
C VAL A 2 16.35 -7.70 -17.92
N LEU A 3 15.37 -7.10 -17.26
CA LEU A 3 14.19 -6.55 -17.91
C LEU A 3 14.19 -5.04 -17.77
N THR A 4 14.27 -4.34 -18.89
CA THR A 4 14.22 -2.88 -18.91
C THR A 4 12.82 -2.47 -19.36
N GLN A 5 12.10 -1.81 -18.48
CA GLN A 5 10.73 -1.37 -18.73
C GLN A 5 10.72 0.12 -18.97
N THR A 6 10.00 0.56 -20.00
CA THR A 6 9.87 1.97 -20.31
C THR A 6 8.46 2.26 -20.80
N PRO A 7 7.93 3.47 -20.52
CA PRO A 7 8.52 4.52 -19.70
C PRO A 7 8.35 4.25 -18.22
N SER A 8 9.01 5.04 -17.37
CA SER A 8 8.80 4.93 -15.93
C SER A 8 7.45 5.52 -15.52
N PHE A 9 6.97 6.49 -16.27
CA PHE A 9 5.77 7.24 -15.93
C PHE A 9 5.09 7.61 -17.23
N THR A 10 3.80 7.35 -17.34
CA THR A 10 3.02 7.79 -18.48
C THR A 10 1.67 8.26 -17.98
N SER A 11 0.97 8.98 -18.85
CA SER A 11 -0.25 9.68 -18.46
C SER A 11 -1.19 9.77 -19.64
N ALA A 12 -2.49 9.66 -19.38
CA ALA A 12 -3.49 9.83 -20.42
C ALA A 12 -4.79 10.29 -19.79
N ALA A 13 -5.58 10.99 -20.58
CA ALA A 13 -6.95 11.28 -20.20
C ALA A 13 -7.82 10.03 -20.36
N VAL A 14 -8.99 10.05 -19.72
CA VAL A 14 -9.94 8.96 -19.90
C VAL A 14 -10.21 8.78 -21.38
N GLY A 15 -10.18 7.54 -21.84
CA GLY A 15 -10.38 7.23 -23.24
C GLY A 15 -9.13 7.31 -24.09
N GLY A 16 -7.99 7.72 -23.53
CA GLY A 16 -6.74 7.77 -24.25
C GLY A 16 -6.13 6.39 -24.41
N THR A 17 -4.89 6.39 -24.93
CA THR A 17 -4.13 5.17 -25.17
C THR A 17 -2.79 5.23 -24.45
N VAL A 18 -2.39 4.11 -23.87
CA VAL A 18 -1.12 3.97 -23.16
C VAL A 18 -0.37 2.78 -23.72
N THR A 19 0.95 2.94 -23.91
CA THR A 19 1.84 1.85 -24.29
C THR A 19 2.97 1.72 -23.28
N ILE A 20 3.26 0.49 -22.90
CA ILE A 20 4.38 0.16 -22.01
C ILE A 20 5.22 -0.90 -22.70
N ASN A 21 6.53 -0.74 -22.67
CA ASN A 21 7.45 -1.65 -23.35
C ASN A 21 8.41 -2.29 -22.35
N CYS A 22 8.86 -3.49 -22.69
CA CYS A 22 9.71 -4.29 -21.83
C CYS A 22 10.77 -4.94 -22.70
N GLN A 23 12.03 -4.62 -22.45
CA GLN A 23 13.15 -5.17 -23.21
C GLN A 23 13.95 -6.13 -22.33
N SER A 24 14.14 -7.35 -22.81
CA SER A 24 14.78 -8.41 -22.04
C SER A 24 16.19 -8.66 -22.56
N SER A 25 17.15 -8.75 -21.64
CA SER A 25 18.54 -9.00 -22.02
C SER A 25 18.77 -10.41 -22.53
N GLN A 26 17.79 -11.30 -22.41
CA GLN A 26 17.89 -12.63 -22.99
C GLN A 26 16.49 -13.20 -23.12
N SER A 27 16.38 -14.28 -23.88
CA SER A 27 15.06 -14.83 -24.17
C SER A 27 14.43 -15.38 -22.91
N VAL A 28 13.10 -15.27 -22.84
CA VAL A 28 12.37 -15.86 -21.73
C VAL A 28 12.14 -17.34 -22.01
N TRP A 29 11.84 -18.08 -20.94
CA TRP A 29 11.61 -19.50 -21.04
C TRP A 29 10.59 -19.82 -22.11
N ARG A 30 10.95 -20.74 -23.02
CA ARG A 30 10.11 -21.16 -24.13
C ARG A 30 9.70 -20.01 -25.04
N ASN A 31 10.41 -18.88 -24.97
CA ASN A 31 9.99 -17.66 -25.65
C ASN A 31 8.51 -17.37 -25.38
N LYS A 32 8.08 -17.67 -24.17
CA LYS A 32 6.67 -17.61 -23.82
C LYS A 32 6.37 -17.08 -22.43
N ASN A 33 7.24 -17.32 -21.45
CA ASN A 33 6.94 -17.03 -20.04
C ASN A 33 7.21 -15.56 -19.75
N LEU A 34 6.28 -14.72 -20.18
CA LEU A 34 6.31 -13.28 -19.87
C LEU A 34 4.88 -12.89 -19.51
N ALA A 35 4.73 -12.21 -18.36
CA ALA A 35 3.43 -11.79 -17.87
C ALA A 35 3.45 -10.31 -17.48
N TRP A 36 2.27 -9.72 -17.44
CA TRP A 36 2.09 -8.33 -17.05
C TRP A 36 1.21 -8.27 -15.81
N TYR A 37 1.65 -7.50 -14.83
CA TYR A 37 0.94 -7.35 -13.57
C TYR A 37 0.53 -5.91 -13.37
N GLN A 38 -0.64 -5.73 -12.75
CA GLN A 38 -1.16 -4.44 -12.36
C GLN A 38 -1.20 -4.35 -10.84
N GLN A 39 -0.63 -3.30 -10.28
CA GLN A 39 -0.65 -3.11 -8.84
C GLN A 39 -1.17 -1.73 -8.48
N LYS A 40 -2.16 -1.70 -7.60
CA LYS A 40 -2.58 -0.45 -7.01
C LYS A 40 -1.97 -0.30 -5.62
N PRO A 41 -1.58 0.91 -5.22
CA PRO A 41 -0.93 1.10 -3.93
C PRO A 41 -1.67 0.39 -2.79
N GLY A 42 -0.93 -0.43 -2.06
CA GLY A 42 -1.46 -1.09 -0.88
C GLY A 42 -2.25 -2.34 -1.13
N GLN A 43 -2.07 -2.97 -2.29
CA GLN A 43 -2.81 -4.18 -2.65
C GLN A 43 -1.86 -5.15 -3.33
N PRO A 44 -2.18 -6.44 -3.31
CA PRO A 44 -1.35 -7.40 -4.06
C PRO A 44 -1.46 -7.16 -5.55
N PRO A 45 -0.40 -7.42 -6.31
CA PRO A 45 -0.49 -7.26 -7.76
C PRO A 45 -1.51 -8.21 -8.37
N LYS A 46 -2.07 -7.78 -9.51
CA LYS A 46 -3.05 -8.56 -10.25
C LYS A 46 -2.47 -8.89 -11.62
N ARG A 47 -2.51 -10.17 -11.98
CA ARG A 47 -2.02 -10.59 -13.28
C ARG A 47 -3.01 -10.21 -14.38
N LEU A 48 -2.53 -9.51 -15.39
CA LEU A 48 -3.34 -9.12 -16.54
C LEU A 48 -3.14 -10.05 -17.72
N ILE A 49 -1.89 -10.39 -18.04
CA ILE A 49 -1.51 -11.11 -19.24
C ILE A 49 -0.49 -12.17 -18.86
N TYR A 50 -0.59 -13.34 -19.47
CA TYR A 50 0.44 -14.37 -19.33
C TYR A 50 0.70 -14.98 -20.70
N ALA A 51 1.83 -15.66 -20.82
CA ALA A 51 2.26 -16.23 -22.10
C ALA A 51 2.26 -15.15 -23.19
N ILE A 52 2.78 -13.98 -22.82
CA ILE A 52 2.93 -12.82 -23.71
C ILE A 52 1.60 -12.15 -24.05
N ALA A 53 0.58 -12.95 -24.43
CA ALA A 53 -0.60 -12.33 -25.04
C ALA A 53 -1.93 -12.93 -24.61
N THR A 54 -1.97 -13.81 -23.60
CA THR A 54 -3.22 -14.37 -23.14
C THR A 54 -3.75 -13.55 -21.97
N LEU A 55 -4.99 -13.08 -22.08
CA LEU A 55 -5.62 -12.31 -21.01
C LEU A 55 -6.10 -13.21 -19.89
N ASP A 56 -5.87 -12.79 -18.65
CA ASP A 56 -6.32 -13.54 -17.49
C ASP A 56 -7.80 -13.26 -17.21
N SER A 57 -8.35 -13.99 -16.24
CA SER A 57 -9.73 -13.76 -15.82
C SER A 57 -9.89 -12.41 -15.14
N GLY A 58 -10.97 -11.71 -15.47
CA GLY A 58 -11.23 -10.40 -14.91
C GLY A 58 -10.46 -9.27 -15.56
N VAL A 59 -9.96 -9.45 -16.76
CA VAL A 59 -9.15 -8.44 -17.43
C VAL A 59 -9.93 -7.91 -18.64
N PRO A 60 -10.26 -6.62 -18.68
CA PRO A 60 -10.99 -6.07 -19.83
C PRO A 60 -10.23 -6.21 -21.15
N SER A 61 -11.00 -6.25 -22.24
CA SER A 61 -10.45 -6.39 -23.57
C SER A 61 -9.60 -5.20 -24.01
N ARG A 62 -9.67 -4.07 -23.31
CA ARG A 62 -8.82 -2.94 -23.67
C ARG A 62 -7.35 -3.14 -23.29
N PHE A 63 -7.01 -4.23 -22.59
CA PHE A 63 -5.62 -4.61 -22.37
C PHE A 63 -5.18 -5.59 -23.45
N SER A 64 -3.98 -5.37 -24.01
CA SER A 64 -3.43 -6.23 -25.05
C SER A 64 -1.94 -6.38 -24.84
N GLY A 65 -1.46 -7.62 -24.93
CA GLY A 65 -0.04 -7.92 -24.85
C GLY A 65 0.45 -8.46 -26.17
N SER A 66 1.70 -8.16 -26.49
CA SER A 66 2.30 -8.63 -27.73
C SER A 66 3.81 -8.67 -27.54
N GLY A 67 4.48 -9.24 -28.54
CA GLY A 67 5.91 -9.18 -28.64
C GLY A 67 6.51 -10.56 -28.82
N SER A 68 7.83 -10.60 -28.82
CA SER A 68 8.56 -11.84 -29.02
C SER A 68 10.03 -11.58 -28.77
N GLY A 69 10.74 -12.64 -28.40
CA GLY A 69 12.17 -12.58 -28.24
C GLY A 69 12.58 -11.69 -27.09
N THR A 70 13.15 -10.53 -27.40
CA THR A 70 13.62 -9.60 -26.38
C THR A 70 12.74 -8.35 -26.27
N GLN A 71 11.63 -8.27 -26.99
CA GLN A 71 10.78 -7.09 -27.00
C GLN A 71 9.33 -7.48 -26.68
N PHE A 72 8.74 -6.80 -25.71
CA PHE A 72 7.36 -7.05 -25.30
C PHE A 72 6.65 -5.74 -25.05
N THR A 73 5.34 -5.73 -25.34
CA THR A 73 4.54 -4.53 -25.24
C THR A 73 3.20 -4.82 -24.59
N LEU A 74 2.77 -3.91 -23.72
CA LEU A 74 1.42 -3.89 -23.17
C LEU A 74 0.78 -2.58 -23.61
N THR A 75 -0.42 -2.66 -24.18
CA THR A 75 -1.17 -1.47 -24.54
C THR A 75 -2.51 -1.47 -23.83
N ILE A 76 -2.98 -0.27 -23.52
CA ILE A 76 -4.28 -0.04 -22.91
C ILE A 76 -4.98 1.00 -23.77
N SER A 77 -6.05 0.59 -24.44
CA SER A 77 -6.88 1.53 -25.19
C SER A 77 -8.06 1.93 -24.32
N ASP A 78 -8.69 3.04 -24.71
CA ASP A 78 -9.89 3.52 -24.03
C ASP A 78 -9.68 3.54 -22.52
N VAL A 79 -8.54 4.11 -22.12
CA VAL A 79 -8.09 4.04 -20.74
C VAL A 79 -9.15 4.57 -19.78
N GLN A 80 -9.35 3.85 -18.68
CA GLN A 80 -10.35 4.16 -17.67
C GLN A 80 -9.70 4.45 -16.32
N CYS A 81 -10.46 5.07 -15.42
CA CYS A 81 -9.97 5.38 -14.08
C CYS A 81 -9.52 4.13 -13.34
N ASP A 82 -10.18 2.99 -13.57
CA ASP A 82 -9.77 1.75 -12.93
C ASP A 82 -8.41 1.26 -13.42
N ASP A 83 -7.90 1.81 -14.51
CA ASP A 83 -6.61 1.41 -15.03
C ASP A 83 -5.45 2.20 -14.42
N ALA A 84 -5.73 3.21 -13.61
CA ALA A 84 -4.68 3.94 -12.91
C ALA A 84 -3.99 3.00 -11.92
N ALA A 85 -2.69 2.79 -12.12
CA ALA A 85 -1.95 1.80 -11.36
C ALA A 85 -0.49 1.81 -11.77
N THR A 86 0.32 0.97 -11.14
CA THR A 86 1.69 0.72 -11.55
C THR A 86 1.76 -0.64 -12.21
N TYR A 87 2.36 -0.70 -13.38
CA TYR A 87 2.41 -1.92 -14.18
C TYR A 87 3.82 -2.48 -14.22
N TYR A 88 3.93 -3.81 -14.10
CA TYR A 88 5.20 -4.51 -14.11
C TYR A 88 5.16 -5.64 -15.12
N CYS A 89 6.21 -5.76 -15.93
CA CYS A 89 6.43 -6.99 -16.68
C CYS A 89 7.26 -7.92 -15.81
N VAL A 90 7.05 -9.22 -15.97
CA VAL A 90 7.80 -10.22 -15.22
C VAL A 90 8.16 -11.37 -16.16
N GLY A 91 9.45 -11.70 -16.21
CA GLY A 91 9.95 -12.72 -17.11
C GLY A 91 10.51 -13.90 -16.34
N HIS A 92 10.35 -15.09 -16.90
CA HIS A 92 10.90 -16.32 -16.36
C HIS A 92 12.08 -16.76 -17.22
N TYR A 93 13.15 -17.22 -16.57
CA TYR A 93 14.39 -17.57 -17.25
C TYR A 93 15.00 -18.81 -16.61
N GLY A 94 15.84 -19.50 -17.37
CA GLY A 94 16.69 -20.50 -16.79
C GLY A 94 17.07 -21.57 -17.80
N SER A 95 17.57 -22.67 -17.24
CA SER A 95 17.95 -23.85 -18.00
C SER A 95 17.28 -25.04 -17.33
N GLU A 96 17.78 -26.24 -17.62
CA GLU A 96 17.23 -27.44 -17.00
C GLU A 96 17.52 -27.53 -15.50
N ASN A 97 18.59 -26.87 -15.03
CA ASN A 97 18.90 -26.90 -13.60
C ASN A 97 19.25 -25.52 -13.05
N ASP A 98 18.65 -24.48 -13.62
CA ASP A 98 18.69 -23.14 -13.05
C ASP A 98 17.40 -22.44 -13.44
N ALA A 99 16.86 -21.62 -12.52
CA ALA A 99 15.57 -20.99 -12.74
C ALA A 99 15.51 -19.68 -11.98
N TYR A 100 15.02 -18.63 -12.65
CA TYR A 100 14.80 -17.38 -11.94
C TYR A 100 13.74 -16.55 -12.66
N TYR A 101 13.36 -15.46 -11.99
CA TYR A 101 12.44 -14.47 -12.51
C TYR A 101 13.07 -13.08 -12.36
N ALA A 102 12.67 -12.18 -13.24
CA ALA A 102 13.04 -10.78 -13.14
C ALA A 102 11.79 -9.92 -13.37
N PHE A 103 11.62 -8.89 -12.54
CA PHE A 103 10.59 -7.89 -12.75
C PHE A 103 11.20 -6.67 -13.44
N GLY A 104 10.40 -6.05 -14.31
CA GLY A 104 10.73 -4.73 -14.77
C GLY A 104 10.62 -3.72 -13.65
N GLY A 105 11.24 -2.55 -13.85
CA GLY A 105 11.25 -1.53 -12.82
C GLY A 105 9.88 -0.92 -12.53
N GLY A 106 8.95 -1.03 -13.46
CA GLY A 106 7.58 -0.60 -13.21
C GLY A 106 7.26 0.71 -13.91
N THR A 107 5.98 0.85 -14.28
CA THR A 107 5.46 2.03 -14.95
C THR A 107 4.25 2.54 -14.19
N GLU A 108 4.33 3.77 -13.68
CA GLU A 108 3.17 4.41 -13.08
C GLU A 108 2.28 5.00 -14.17
N VAL A 109 1.01 4.61 -14.17
CA VAL A 109 0.04 5.12 -15.13
C VAL A 109 -0.95 6.01 -14.38
N VAL A 110 -0.99 7.29 -14.77
CA VAL A 110 -1.87 8.29 -14.17
C VAL A 110 -2.95 8.63 -15.19
N VAL A 111 -4.21 8.56 -14.76
CA VAL A 111 -5.36 8.83 -15.62
C VAL A 111 -5.94 10.18 -15.22
N LYS A 112 -6.12 11.07 -16.20
CA LYS A 112 -6.35 12.48 -15.95
C LYS A 112 -7.83 12.84 -16.10
N ASP A 113 -8.37 13.51 -15.06
CA ASP A 113 -9.69 14.14 -15.10
C ASP A 113 -9.75 15.20 -13.99
N PRO A 114 -9.65 16.48 -14.32
CA PRO A 114 -9.37 17.50 -13.30
C PRO A 114 -10.58 17.79 -12.41
N VAL A 115 -10.32 17.85 -11.10
CA VAL A 115 -11.34 18.17 -10.10
C VAL A 115 -10.67 18.96 -8.98
N ALA A 116 -11.31 20.06 -8.56
CA ALA A 116 -10.70 20.83 -7.47
C ALA A 116 -11.11 20.25 -6.11
N PRO A 117 -10.25 20.36 -5.11
CA PRO A 117 -10.53 19.74 -3.81
C PRO A 117 -11.45 20.59 -2.94
N THR A 118 -12.13 19.90 -2.02
CA THR A 118 -12.65 20.51 -0.82
C THR A 118 -11.79 20.06 0.36
N VAL A 119 -11.86 20.82 1.45
CA VAL A 119 -10.95 20.64 2.58
C VAL A 119 -11.74 20.65 3.88
N LEU A 120 -11.44 19.68 4.76
CA LEU A 120 -11.95 19.65 6.12
C LEU A 120 -10.77 19.64 7.08
N ILE A 121 -10.99 20.15 8.28
CA ILE A 121 -9.98 20.17 9.32
C ILE A 121 -10.61 19.59 10.58
N PHE A 122 -9.83 18.81 11.32
CA PHE A 122 -10.33 18.08 12.48
C PHE A 122 -9.52 18.45 13.71
N PRO A 123 -10.09 19.19 14.66
CA PRO A 123 -9.34 19.51 15.87
C PRO A 123 -9.00 18.23 16.63
N PRO A 124 -7.99 18.28 17.49
CA PRO A 124 -7.65 17.08 18.26
C PRO A 124 -8.78 16.69 19.21
N ALA A 125 -9.01 15.39 19.33
CA ALA A 125 -9.93 14.90 20.33
C ALA A 125 -9.48 15.36 21.72
N ALA A 126 -10.46 15.52 22.62
CA ALA A 126 -10.16 16.04 23.95
C ALA A 126 -9.16 15.17 24.69
N ASP A 127 -9.16 13.87 24.45
CA ASP A 127 -8.26 12.97 25.18
C ASP A 127 -6.84 12.99 24.65
N GLN A 128 -6.57 13.67 23.53
CA GLN A 128 -5.21 13.73 23.01
C GLN A 128 -4.31 14.58 23.89
N VAL A 129 -4.79 15.74 24.34
CA VAL A 129 -3.89 16.70 24.96
C VAL A 129 -3.23 16.10 26.20
N ALA A 130 -3.97 15.29 26.96
CA ALA A 130 -3.41 14.71 28.18
C ALA A 130 -2.21 13.82 27.91
N THR A 131 -2.05 13.32 26.69
CA THR A 131 -0.92 12.45 26.38
C THR A 131 0.40 13.19 26.20
N GLY A 132 0.38 14.53 26.20
CA GLY A 132 1.56 15.32 25.91
C GLY A 132 1.80 15.60 24.44
N THR A 133 0.98 15.04 23.55
CA THR A 133 1.18 15.17 22.11
C THR A 133 -0.18 15.23 21.46
N VAL A 134 -0.35 16.12 20.49
CA VAL A 134 -1.62 16.31 19.80
C VAL A 134 -1.37 16.32 18.30
N THR A 135 -2.27 15.69 17.55
CA THR A 135 -2.17 15.59 16.10
C THR A 135 -3.45 16.18 15.51
N ILE A 136 -3.29 17.22 14.70
CA ILE A 136 -4.38 17.86 13.99
C ILE A 136 -4.40 17.28 12.58
N VAL A 137 -5.60 17.04 12.05
CA VAL A 137 -5.76 16.33 10.79
C VAL A 137 -6.50 17.24 9.80
N CYS A 138 -5.95 17.35 8.59
CA CYS A 138 -6.54 18.08 7.49
C CYS A 138 -6.73 17.09 6.34
N VAL A 139 -7.89 17.11 5.70
CA VAL A 139 -8.19 16.19 4.62
C VAL A 139 -8.61 17.00 3.39
N ALA A 140 -7.96 16.70 2.28
CA ALA A 140 -8.33 17.25 0.97
C ALA A 140 -9.08 16.17 0.21
N ASN A 141 -10.36 16.41 -0.06
CA ASN A 141 -11.24 15.41 -0.64
C ASN A 141 -11.25 15.48 -2.16
N LYS A 142 -11.24 14.30 -2.80
CA LYS A 142 -11.74 14.13 -4.15
C LYS A 142 -11.14 15.16 -5.12
N TYR A 143 -9.89 14.98 -5.51
CA TYR A 143 -9.21 15.97 -6.35
C TYR A 143 -8.28 15.31 -7.34
N PHE A 144 -7.99 16.06 -8.41
CA PHE A 144 -6.96 15.80 -9.39
C PHE A 144 -6.72 17.08 -10.17
N PRO A 145 -5.47 17.48 -10.45
CA PRO A 145 -4.20 16.80 -10.17
C PRO A 145 -3.65 17.06 -8.76
N ASP A 146 -2.39 16.73 -8.52
CA ASP A 146 -1.84 16.75 -7.17
C ASP A 146 -1.87 18.14 -6.56
N VAL A 147 -1.90 18.17 -5.23
CA VAL A 147 -2.00 19.41 -4.46
C VAL A 147 -0.81 19.49 -3.49
N THR A 148 -0.60 20.70 -2.98
CA THR A 148 0.35 20.96 -1.90
C THR A 148 -0.41 21.46 -0.68
N VAL A 149 0.08 21.08 0.51
CA VAL A 149 -0.57 21.44 1.77
C VAL A 149 0.39 22.32 2.58
N THR A 150 -0.12 23.43 3.08
CA THR A 150 0.59 24.30 3.99
C THR A 150 -0.16 24.39 5.30
N TRP A 151 0.57 24.35 6.40
CA TRP A 151 0.00 24.52 7.74
C TRP A 151 0.44 25.86 8.30
N GLU A 152 -0.49 26.57 8.92
CA GLU A 152 -0.20 27.83 9.59
C GLU A 152 -0.77 27.78 11.00
N VAL A 153 0.05 28.21 11.97
CA VAL A 153 -0.34 28.28 13.37
C VAL A 153 -0.15 29.73 13.79
N ASP A 154 -1.26 30.43 14.02
CA ASP A 154 -1.21 31.85 14.32
C ASP A 154 -0.38 32.60 13.27
N GLY A 155 -0.62 32.26 12.00
CA GLY A 155 0.01 32.91 10.87
C GLY A 155 1.42 32.48 10.58
N THR A 156 2.00 31.61 11.40
CA THR A 156 3.37 31.15 11.21
C THR A 156 3.34 29.85 10.41
N THR A 157 4.05 29.84 9.29
CA THR A 157 4.08 28.67 8.43
C THR A 157 4.87 27.55 9.09
N GLN A 158 4.28 26.36 9.17
CA GLN A 158 4.94 25.23 9.79
C GLN A 158 5.84 24.55 8.78
N THR A 159 7.06 24.22 9.21
CA THR A 159 8.08 23.66 8.35
C THR A 159 8.47 22.24 8.74
N THR A 160 8.04 21.76 9.90
CA THR A 160 8.21 20.36 10.29
C THR A 160 6.96 19.94 11.06
N GLY A 161 6.92 18.66 11.42
CA GLY A 161 5.81 18.09 12.16
C GLY A 161 4.68 17.55 11.31
N ILE A 162 4.88 17.44 10.00
CA ILE A 162 3.79 17.17 9.07
C ILE A 162 3.94 15.76 8.52
N GLU A 163 2.80 15.10 8.32
CA GLU A 163 2.78 13.76 7.70
C GLU A 163 1.65 13.75 6.69
N ASN A 164 1.99 13.53 5.42
CA ASN A 164 1.01 13.49 4.35
C ASN A 164 0.87 12.08 3.82
N SER A 165 -0.36 11.71 3.49
CA SER A 165 -0.67 10.37 3.05
C SER A 165 -1.83 10.44 2.06
N LYS A 166 -1.63 9.85 0.88
CA LYS A 166 -2.53 10.00 -0.26
C LYS A 166 -3.14 8.66 -0.62
N THR A 167 -4.46 8.66 -0.88
CA THR A 167 -5.10 7.46 -1.38
C THR A 167 -4.86 7.34 -2.88
N PRO A 168 -4.70 6.13 -3.41
CA PRO A 168 -4.55 5.97 -4.86
C PRO A 168 -5.77 6.48 -5.61
N GLN A 169 -5.60 6.69 -6.91
CA GLN A 169 -6.68 7.21 -7.75
C GLN A 169 -7.92 6.33 -7.61
N ASN A 170 -9.06 6.96 -7.39
CA ASN A 170 -10.31 6.25 -7.23
C ASN A 170 -10.69 5.55 -8.54
N SER A 171 -11.10 4.29 -8.44
CA SER A 171 -11.37 3.50 -9.62
C SER A 171 -12.61 3.96 -10.38
N ALA A 172 -13.44 4.81 -9.79
CA ALA A 172 -14.62 5.35 -10.45
C ALA A 172 -14.39 6.72 -11.07
N ASP A 173 -13.73 7.64 -10.37
CA ASP A 173 -13.62 9.02 -10.85
C ASP A 173 -12.19 9.55 -10.94
N CYS A 174 -11.17 8.70 -10.76
CA CYS A 174 -9.77 9.06 -10.94
C CYS A 174 -9.22 9.98 -9.87
N THR A 175 -9.99 10.32 -8.83
CA THR A 175 -9.54 11.37 -7.93
C THR A 175 -8.69 10.80 -6.79
N TYR A 176 -7.91 11.70 -6.19
CA TYR A 176 -7.15 11.43 -4.99
C TYR A 176 -7.90 11.95 -3.77
N ASN A 177 -7.48 11.45 -2.61
CA ASN A 177 -7.76 12.09 -1.33
C ASN A 177 -6.45 12.15 -0.56
N LEU A 178 -6.29 13.21 0.24
CA LEU A 178 -5.07 13.44 0.97
C LEU A 178 -5.37 13.64 2.45
N SER A 179 -4.56 13.01 3.30
CA SER A 179 -4.56 13.23 4.73
C SER A 179 -3.27 13.95 5.11
N SER A 180 -3.38 15.11 5.74
CA SER A 180 -2.23 15.83 6.26
C SER A 180 -2.39 16.02 7.76
N THR A 181 -1.39 15.58 8.52
CA THR A 181 -1.40 15.71 9.97
C THR A 181 -0.25 16.60 10.43
N LEU A 182 -0.57 17.52 11.35
CA LEU A 182 0.40 18.33 12.06
C LEU A 182 0.46 17.84 13.49
N THR A 183 1.65 17.52 13.98
CA THR A 183 1.83 17.05 15.34
C THR A 183 2.62 18.06 16.16
N LEU A 184 2.10 18.38 17.34
CA LEU A 184 2.71 19.33 18.25
C LEU A 184 2.74 18.72 19.63
N THR A 185 3.59 19.27 20.49
CA THR A 185 3.47 18.92 21.90
C THR A 185 2.21 19.59 22.47
N SER A 186 1.78 19.11 23.64
CA SER A 186 0.57 19.66 24.25
C SER A 186 0.80 21.08 24.72
N THR A 187 2.00 21.37 25.20
CA THR A 187 2.36 22.73 25.59
C THR A 187 2.24 23.67 24.39
N GLN A 188 2.83 23.28 23.27
CA GLN A 188 2.77 24.11 22.06
C GLN A 188 1.32 24.31 21.61
N TYR A 189 0.53 23.23 21.58
CA TYR A 189 -0.85 23.35 21.13
C TYR A 189 -1.61 24.33 22.02
N ASN A 190 -1.42 24.25 23.33
CA ASN A 190 -2.10 25.14 24.25
C ASN A 190 -1.53 26.55 24.25
N SER A 191 -0.42 26.78 23.56
CA SER A 191 0.19 28.11 23.47
C SER A 191 -0.30 28.90 22.28
N HIS A 192 -1.14 28.33 21.42
CA HIS A 192 -1.53 28.95 20.17
C HIS A 192 -3.04 28.83 20.01
N LYS A 193 -3.60 29.69 19.15
CA LYS A 193 -5.04 29.82 19.00
C LYS A 193 -5.54 29.33 17.64
N GLU A 194 -5.02 29.88 16.55
CA GLU A 194 -5.58 29.63 15.23
C GLU A 194 -4.73 28.61 14.48
N TYR A 195 -5.39 27.56 14.00
CA TYR A 195 -4.75 26.47 13.25
C TYR A 195 -5.39 26.41 11.88
N THR A 196 -4.57 26.52 10.85
CA THR A 196 -5.02 26.65 9.48
C THR A 196 -4.29 25.66 8.59
N CYS A 197 -5.04 25.00 7.73
CA CYS A 197 -4.50 24.17 6.66
CA CYS A 197 -4.45 24.21 6.66
C CYS A 197 -4.91 24.78 5.32
N LYS A 198 -3.95 24.97 4.42
CA LYS A 198 -4.18 25.58 3.12
C LYS A 198 -3.78 24.56 2.06
N VAL A 199 -4.71 24.24 1.17
CA VAL A 199 -4.48 23.29 0.09
C VAL A 199 -4.42 24.08 -1.22
N THR A 200 -3.36 23.87 -1.98
CA THR A 200 -3.12 24.60 -3.21
C THR A 200 -3.06 23.63 -4.37
N GLN A 201 -3.86 23.91 -5.39
CA GLN A 201 -3.85 23.18 -6.64
C GLN A 201 -3.56 24.20 -7.73
N GLY A 202 -2.40 24.08 -8.38
CA GLY A 202 -1.95 25.09 -9.29
C GLY A 202 -1.86 26.45 -8.62
N THR A 203 -2.80 27.34 -8.96
CA THR A 203 -2.85 28.68 -8.39
C THR A 203 -3.98 28.85 -7.38
N THR A 204 -5.01 28.00 -7.42
CA THR A 204 -6.13 28.09 -6.50
C THR A 204 -5.76 27.54 -5.13
N SER A 205 -6.04 28.30 -4.08
CA SER A 205 -5.92 27.86 -2.71
C SER A 205 -7.30 27.65 -2.11
N VAL A 206 -7.39 26.65 -1.23
CA VAL A 206 -8.57 26.38 -0.42
C VAL A 206 -8.09 26.33 1.02
N VAL A 207 -8.84 26.96 1.93
CA VAL A 207 -8.39 27.12 3.31
C VAL A 207 -9.44 26.58 4.25
N GLN A 208 -8.98 26.04 5.37
CA GLN A 208 -9.85 25.56 6.45
C GLN A 208 -9.14 25.79 7.78
N SER A 209 -9.88 26.32 8.75
CA SER A 209 -9.30 26.87 9.97
C SER A 209 -10.20 26.58 11.17
N PHE A 210 -9.59 26.45 12.35
CA PHE A 210 -10.33 26.44 13.61
C PHE A 210 -9.51 27.14 14.69
N ASN A 211 -10.21 27.55 15.76
CA ASN A 211 -9.60 28.13 16.95
C ASN A 211 -9.68 27.13 18.11
N ARG A 212 -8.55 26.94 18.80
CA ARG A 212 -8.51 25.96 19.89
C ARG A 212 -9.60 26.23 20.93
N GLY A 213 -9.83 27.50 21.26
CA GLY A 213 -10.83 27.83 22.25
C GLY A 213 -12.25 27.49 21.86
N ASP A 214 -12.52 27.29 20.57
CA ASP A 214 -13.88 26.99 20.11
C ASP A 214 -14.24 25.51 20.21
N CYS A 215 -13.25 24.61 20.24
CA CYS A 215 -13.51 23.18 20.14
C CYS A 215 -13.28 22.45 21.46
N GLN B 1 -7.28 -22.77 -3.59
CA GLN B 1 -6.41 -22.01 -4.46
C GLN B 1 -6.14 -20.64 -3.88
N SER B 2 -5.63 -20.61 -2.65
CA SER B 2 -5.10 -19.39 -2.07
C SER B 2 -3.91 -19.74 -1.19
N VAL B 3 -3.07 -18.74 -0.92
CA VAL B 3 -1.98 -18.85 0.03
C VAL B 3 -2.04 -17.65 0.95
N LYS B 4 -1.46 -17.80 2.14
CA LYS B 4 -1.44 -16.74 3.13
C LYS B 4 -0.10 -16.74 3.86
N GLU B 5 0.52 -15.56 3.94
CA GLU B 5 1.80 -15.39 4.61
C GLU B 5 1.59 -15.13 6.10
N SER B 6 2.52 -15.64 6.91
CA SER B 6 2.51 -15.37 8.34
C SER B 6 3.94 -15.34 8.86
N GLY B 7 4.11 -14.64 9.97
CA GLY B 7 5.41 -14.55 10.60
C GLY B 7 5.50 -13.30 11.45
N ARG B 8 6.63 -13.20 12.15
CA ARG B 8 6.87 -12.03 12.99
C ARG B 8 7.07 -10.80 12.12
N GLY B 9 6.31 -9.75 12.40
CA GLY B 9 6.34 -8.55 11.60
C GLY B 9 7.26 -7.46 12.10
N LEU B 10 7.75 -7.58 13.34
CA LEU B 10 8.75 -6.68 13.88
C LEU B 10 10.02 -7.47 14.17
N VAL B 11 11.10 -7.15 13.46
CA VAL B 11 12.39 -7.79 13.63
C VAL B 11 13.44 -6.70 13.79
N GLN B 12 14.59 -7.10 14.32
CA GLN B 12 15.68 -6.16 14.56
C GLN B 12 16.80 -6.35 13.55
N PRO B 13 17.52 -5.29 13.20
CA PRO B 13 18.73 -5.47 12.40
C PRO B 13 19.68 -6.43 13.09
N GLY B 14 20.41 -7.18 12.29
CA GLY B 14 21.25 -8.26 12.78
C GLY B 14 20.52 -9.55 13.01
N GLY B 15 19.19 -9.50 13.18
CA GLY B 15 18.40 -10.70 13.39
C GLY B 15 18.08 -11.40 12.08
N SER B 16 17.04 -12.22 12.14
CA SER B 16 16.53 -12.95 11.00
C SER B 16 15.01 -12.76 10.90
N LEU B 17 14.48 -12.94 9.71
CA LEU B 17 13.05 -13.05 9.51
C LEU B 17 12.71 -14.47 9.05
N THR B 18 11.57 -14.97 9.50
CA THR B 18 11.05 -16.27 9.07
C THR B 18 9.59 -16.09 8.70
N LEU B 19 9.27 -16.32 7.44
CA LEU B 19 7.93 -16.13 6.91
C LEU B 19 7.42 -17.43 6.36
N THR B 20 6.19 -17.79 6.73
CA THR B 20 5.59 -19.04 6.33
C THR B 20 4.43 -18.77 5.39
N CYS B 21 4.39 -19.51 4.29
CA CYS B 21 3.34 -19.41 3.29
C CYS B 21 2.56 -20.71 3.35
N THR B 22 1.29 -20.63 3.74
CA THR B 22 0.44 -21.81 3.88
C THR B 22 -0.58 -21.83 2.75
N ALA B 23 -0.66 -22.96 2.04
CA ALA B 23 -1.57 -23.12 0.91
C ALA B 23 -2.90 -23.69 1.37
N SER B 24 -3.98 -23.21 0.73
CA SER B 24 -5.33 -23.67 0.99
C SER B 24 -5.99 -24.08 -0.32
N GLY B 25 -6.74 -25.17 -0.30
CA GLY B 25 -7.46 -25.61 -1.47
C GLY B 25 -6.63 -26.34 -2.50
N PHE B 26 -5.38 -26.66 -2.17
CA PHE B 26 -4.51 -27.43 -3.04
C PHE B 26 -3.26 -27.77 -2.23
N SER B 27 -2.43 -28.63 -2.80
CA SER B 27 -1.18 -29.05 -2.16
C SER B 27 -0.03 -28.21 -2.72
N ILE B 28 0.85 -27.76 -1.82
CA ILE B 28 1.84 -26.76 -2.19
C ILE B 28 3.00 -27.32 -2.99
N ASP B 29 3.05 -28.64 -3.20
CA ASP B 29 4.05 -29.24 -4.07
C ASP B 29 3.57 -29.42 -5.50
N SER B 30 2.33 -29.01 -5.80
CA SER B 30 1.83 -29.06 -7.18
C SER B 30 2.47 -28.02 -8.07
N TYR B 31 3.03 -26.95 -7.50
CA TYR B 31 3.52 -25.83 -8.28
C TYR B 31 4.82 -25.32 -7.68
N GLY B 32 5.58 -24.60 -8.51
CA GLY B 32 6.70 -23.82 -8.02
C GLY B 32 6.22 -22.47 -7.49
N PHE B 33 6.82 -22.06 -6.38
CA PHE B 33 6.45 -20.82 -5.71
C PHE B 33 7.66 -19.92 -5.55
N SER B 34 7.42 -18.62 -5.73
CA SER B 34 8.45 -17.60 -5.57
C SER B 34 8.19 -16.81 -4.30
N TRP B 35 9.25 -16.26 -3.74
CA TRP B 35 9.12 -15.20 -2.77
C TRP B 35 9.51 -13.89 -3.45
N VAL B 36 8.70 -12.86 -3.19
CA VAL B 36 8.83 -11.56 -3.82
C VAL B 36 8.67 -10.53 -2.71
N ARG B 37 9.38 -9.42 -2.83
CA ARG B 37 9.22 -8.37 -1.84
C ARG B 37 9.17 -7.00 -2.51
N GLN B 38 8.61 -6.07 -1.76
CA GLN B 38 8.39 -4.70 -2.23
C GLN B 38 8.69 -3.76 -1.07
N ALA B 39 9.83 -3.08 -1.12
CA ALA B 39 10.14 -2.10 -0.10
C ALA B 39 9.26 -0.86 -0.27
N PRO B 40 9.03 -0.09 0.78
CA PRO B 40 8.06 1.00 0.72
C PRO B 40 8.35 1.95 -0.45
N GLY B 41 7.34 2.15 -1.29
CA GLY B 41 7.49 3.01 -2.45
C GLY B 41 8.50 2.53 -3.47
N LYS B 42 8.79 1.24 -3.51
CA LYS B 42 9.73 0.67 -4.48
C LYS B 42 9.01 -0.39 -5.32
N GLY B 43 9.73 -0.94 -6.28
CA GLY B 43 9.17 -1.94 -7.16
C GLY B 43 9.24 -3.33 -6.59
N LEU B 44 8.58 -4.26 -7.27
CA LEU B 44 8.66 -5.66 -6.92
C LEU B 44 10.04 -6.21 -7.26
N GLU B 45 10.56 -7.09 -6.41
CA GLU B 45 11.84 -7.72 -6.67
C GLU B 45 11.81 -9.17 -6.25
N HIS B 46 12.31 -10.03 -7.14
CA HIS B 46 12.24 -11.47 -6.93
C HIS B 46 13.33 -11.90 -5.96
N ILE B 47 12.95 -12.69 -4.96
CA ILE B 47 13.92 -13.20 -3.99
C ILE B 47 14.43 -14.58 -4.38
N GLY B 48 13.52 -15.49 -4.67
CA GLY B 48 13.90 -16.86 -4.99
C GLY B 48 12.68 -17.67 -5.37
N TYR B 49 12.96 -18.82 -5.96
CA TYR B 49 11.95 -19.70 -6.54
C TYR B 49 12.20 -21.11 -6.04
N LEU B 50 11.16 -21.75 -5.52
CA LEU B 50 11.19 -23.17 -5.19
C LEU B 50 10.39 -23.90 -6.28
N THR B 51 11.09 -24.68 -7.10
CA THR B 51 10.44 -25.40 -8.18
C THR B 51 9.43 -26.42 -7.64
N ALA B 52 8.54 -26.84 -8.52
CA ALA B 52 7.57 -27.86 -8.15
C ALA B 52 8.27 -29.12 -7.64
N GLY B 53 9.39 -29.47 -8.27
CA GLY B 53 10.16 -30.64 -7.87
C GLY B 53 10.93 -30.47 -6.59
N GLY B 54 11.07 -29.24 -6.09
CA GLY B 54 11.60 -29.02 -4.75
C GLY B 54 12.99 -28.43 -4.67
N ARG B 55 13.55 -27.92 -5.75
CA ARG B 55 14.85 -27.26 -5.74
C ARG B 55 14.64 -25.75 -5.61
N ALA B 56 15.50 -25.11 -4.82
CA ALA B 56 15.42 -23.66 -4.58
C ALA B 56 16.50 -22.93 -5.35
N PHE B 57 16.12 -21.79 -5.94
CA PHE B 57 17.02 -20.95 -6.70
C PHE B 57 16.86 -19.50 -6.26
N TYR B 58 17.97 -18.80 -6.09
CA TYR B 58 17.99 -17.49 -5.45
C TYR B 58 18.54 -16.43 -6.39
N ALA B 59 18.00 -15.22 -6.27
CA ALA B 59 18.59 -14.07 -6.91
C ALA B 59 19.95 -13.77 -6.30
N SER B 60 20.83 -13.17 -7.09
CA SER B 60 22.22 -13.01 -6.68
C SER B 60 22.34 -12.25 -5.38
N TRP B 61 21.58 -11.16 -5.23
CA TRP B 61 21.69 -10.35 -4.02
C TRP B 61 21.22 -11.12 -2.79
N ALA B 62 20.31 -12.09 -2.96
CA ALA B 62 19.72 -12.82 -1.84
C ALA B 62 20.40 -14.14 -1.55
N LYS B 63 21.23 -14.62 -2.48
CA LYS B 63 21.78 -15.98 -2.43
C LYS B 63 22.37 -16.32 -1.05
N SER B 64 23.26 -15.48 -0.53
CA SER B 64 24.08 -15.89 0.60
C SER B 64 23.33 -15.92 1.94
N ARG B 65 22.28 -15.12 2.09
CA ARG B 65 21.62 -14.97 3.39
C ARG B 65 20.15 -15.38 3.36
N SER B 66 19.68 -16.02 2.30
CA SER B 66 18.29 -16.45 2.19
C SER B 66 18.24 -17.96 2.08
N THR B 67 17.18 -18.56 2.63
CA THR B 67 16.91 -19.98 2.48
C THR B 67 15.42 -20.16 2.26
N ILE B 68 15.05 -20.81 1.16
CA ILE B 68 13.68 -21.14 0.85
C ILE B 68 13.50 -22.64 0.99
N THR B 69 12.46 -23.05 1.72
CA THR B 69 12.28 -24.41 2.17
C THR B 69 10.81 -24.79 1.99
N ARG B 70 10.55 -26.09 1.87
CA ARG B 70 9.19 -26.61 1.70
C ARG B 70 8.92 -27.73 2.69
N ASN B 71 7.72 -27.71 3.28
CA ASN B 71 7.22 -28.79 4.14
C ASN B 71 5.89 -29.25 3.55
N THR B 72 5.90 -30.36 2.80
CA THR B 72 4.68 -30.83 2.17
C THR B 72 3.70 -31.42 3.17
N ASN B 73 4.18 -31.86 4.34
CA ASN B 73 3.30 -32.34 5.38
C ASN B 73 2.39 -31.22 5.89
N GLU B 74 2.98 -30.07 6.18
CA GLU B 74 2.24 -28.91 6.67
C GLU B 74 1.64 -28.08 5.55
N ASN B 75 2.01 -28.35 4.30
CA ASN B 75 1.48 -27.61 3.16
C ASN B 75 1.98 -26.16 3.18
N THR B 76 3.30 -26.00 3.38
CA THR B 76 3.88 -24.68 3.53
C THR B 76 5.17 -24.58 2.72
N VAL B 77 5.52 -23.35 2.37
CA VAL B 77 6.87 -23.01 1.96
C VAL B 77 7.32 -21.86 2.85
N THR B 78 8.61 -21.86 3.16
CA THR B 78 9.16 -20.98 4.18
C THR B 78 10.34 -20.20 3.66
N LEU B 79 10.39 -18.92 4.00
CA LEU B 79 11.53 -18.05 3.72
C LEU B 79 12.21 -17.66 5.02
N LYS B 80 13.53 -17.84 5.08
CA LYS B 80 14.35 -17.31 6.16
C LYS B 80 15.43 -16.42 5.57
N MET B 81 15.56 -15.21 6.12
CA MET B 81 16.65 -14.31 5.76
C MET B 81 17.37 -13.87 7.02
N THR B 82 18.70 -13.89 6.97
CA THR B 82 19.56 -13.51 8.09
C THR B 82 20.29 -12.22 7.76
N SER B 83 21.08 -11.75 8.73
CA SER B 83 21.90 -10.56 8.57
C SER B 83 21.06 -9.38 8.10
N LEU B 84 19.94 -9.17 8.78
CA LEU B 84 18.97 -8.17 8.36
C LEU B 84 19.49 -6.76 8.63
N THR B 85 19.22 -5.86 7.68
CA THR B 85 19.36 -4.44 7.86
C THR B 85 17.99 -3.79 7.65
N ALA B 86 17.89 -2.51 7.98
CA ALA B 86 16.64 -1.78 7.74
C ALA B 86 16.25 -1.79 6.27
N ALA B 87 17.21 -2.00 5.37
CA ALA B 87 16.91 -2.12 3.96
C ALA B 87 15.97 -3.28 3.65
N ASP B 88 15.79 -4.22 4.58
CA ASP B 88 14.93 -5.38 4.38
C ASP B 88 13.49 -5.15 4.81
N THR B 89 13.18 -3.96 5.32
CA THR B 89 11.81 -3.57 5.57
C THR B 89 11.02 -3.56 4.27
N ALA B 90 9.92 -4.32 4.22
CA ALA B 90 9.23 -4.52 2.96
C ALA B 90 7.98 -5.33 3.18
N THR B 91 7.12 -5.35 2.16
CA THR B 91 6.05 -6.32 2.07
C THR B 91 6.59 -7.55 1.36
N TYR B 92 6.37 -8.72 1.95
CA TYR B 92 6.82 -9.98 1.39
C TYR B 92 5.61 -10.77 0.91
N PHE B 93 5.69 -11.29 -0.31
CA PHE B 93 4.65 -12.08 -0.95
C PHE B 93 5.20 -13.45 -1.29
N CYS B 94 4.41 -14.49 -1.05
CA CYS B 94 4.61 -15.75 -1.74
C CYS B 94 3.62 -15.83 -2.89
N ALA B 95 4.09 -16.32 -4.03
CA ALA B 95 3.28 -16.24 -5.25
C ALA B 95 3.73 -17.29 -6.26
N LYS B 96 2.76 -17.98 -6.84
CA LYS B 96 2.98 -18.66 -8.13
C LYS B 96 2.72 -17.62 -9.21
N LEU B 97 3.79 -17.17 -9.87
CA LEU B 97 3.68 -15.99 -10.71
C LEU B 97 2.92 -16.25 -12.01
N GLY B 98 2.94 -17.48 -12.52
CA GLY B 98 2.18 -17.76 -13.74
C GLY B 98 2.65 -16.94 -14.93
N SER B 99 3.95 -16.80 -15.09
CA SER B 99 4.49 -16.09 -16.26
C SER B 99 4.02 -16.73 -17.56
N GLY B 100 3.89 -18.05 -17.59
CA GLY B 100 3.59 -18.72 -18.84
C GLY B 100 2.49 -19.75 -18.79
N ASN B 101 1.77 -19.83 -17.69
CA ASN B 101 0.80 -20.90 -17.49
C ASN B 101 -0.46 -20.34 -16.83
N PRO B 102 -1.57 -21.05 -16.92
CA PRO B 102 -2.85 -20.44 -16.53
C PRO B 102 -2.99 -20.15 -15.04
N VAL B 103 -2.29 -20.87 -14.17
CA VAL B 103 -2.44 -20.70 -12.73
C VAL B 103 -1.47 -19.63 -12.24
N ALA B 104 -2.01 -18.59 -11.61
CA ALA B 104 -1.25 -17.63 -10.81
C ALA B 104 -1.96 -17.46 -9.48
N ILE B 105 -1.19 -17.40 -8.40
CA ILE B 105 -1.73 -17.37 -7.04
C ILE B 105 -0.82 -16.50 -6.20
N TRP B 106 -1.37 -15.43 -5.63
CA TRP B 106 -0.65 -14.51 -4.76
C TRP B 106 -1.29 -14.50 -3.38
N GLY B 107 -0.47 -14.44 -2.35
CA GLY B 107 -0.97 -14.17 -1.02
C GLY B 107 -1.25 -12.71 -0.82
N PRO B 108 -1.92 -12.40 0.30
CA PRO B 108 -2.18 -10.98 0.62
C PRO B 108 -0.93 -10.18 0.92
N GLY B 109 0.17 -10.84 1.25
CA GLY B 109 1.39 -10.18 1.65
C GLY B 109 1.49 -10.06 3.16
N THR B 110 2.72 -9.93 3.62
CA THR B 110 2.97 -9.68 5.04
C THR B 110 4.03 -8.61 5.17
N LEU B 111 3.74 -7.61 6.00
CA LEU B 111 4.57 -6.42 6.14
C LEU B 111 5.60 -6.65 7.24
N VAL B 112 6.87 -6.64 6.88
CA VAL B 112 7.96 -6.80 7.84
C VAL B 112 8.60 -5.43 8.08
N THR B 113 8.63 -5.01 9.34
CA THR B 113 9.35 -3.83 9.78
C THR B 113 10.64 -4.28 10.47
N VAL B 114 11.78 -3.88 9.91
CA VAL B 114 13.07 -4.11 10.53
C VAL B 114 13.47 -2.85 11.26
N SER B 115 13.51 -2.90 12.59
CA SER B 115 14.05 -1.79 13.35
C SER B 115 14.50 -2.27 14.73
N SER B 116 15.58 -1.65 15.21
CA SER B 116 15.91 -1.62 16.63
C SER B 116 15.73 -0.25 17.25
N SER B 117 15.52 0.79 16.43
CA SER B 117 15.35 2.14 16.90
C SER B 117 13.89 2.57 17.00
N SER B 118 12.96 1.67 16.70
CA SER B 118 11.53 1.98 16.76
C SER B 118 10.88 1.56 18.07
N GLY B 119 11.55 0.77 18.88
CA GLY B 119 10.96 0.22 20.09
C GLY B 119 10.41 -1.18 19.88
N GLN B 120 9.52 -1.56 20.78
CA GLN B 120 8.92 -2.87 20.81
C GLN B 120 7.48 -2.79 20.29
N PRO B 121 6.81 -3.92 20.12
CA PRO B 121 5.42 -3.86 19.62
C PRO B 121 4.59 -2.87 20.43
N LYS B 122 3.68 -2.19 19.75
CA LYS B 122 2.85 -1.20 20.42
C LYS B 122 1.48 -1.12 19.75
N ALA B 123 0.44 -1.24 20.57
CA ALA B 123 -0.93 -1.13 20.06
C ALA B 123 -1.28 0.33 19.84
N PRO B 124 -2.14 0.61 18.87
CA PRO B 124 -2.46 2.00 18.54
C PRO B 124 -3.36 2.66 19.58
N SER B 125 -3.14 3.94 19.79
CA SER B 125 -4.14 4.81 20.41
C SER B 125 -5.07 5.33 19.32
N VAL B 126 -6.36 5.23 19.56
CA VAL B 126 -7.38 5.56 18.57
C VAL B 126 -8.13 6.78 19.07
N PHE B 127 -8.18 7.83 18.25
CA PHE B 127 -8.82 9.07 18.59
C PHE B 127 -9.88 9.43 17.56
N PRO B 128 -11.07 9.86 17.97
CA PRO B 128 -12.09 10.24 17.00
C PRO B 128 -11.73 11.54 16.30
N LEU B 129 -12.23 11.69 15.07
CA LEU B 129 -12.07 12.89 14.27
C LEU B 129 -13.46 13.45 13.99
N ALA B 130 -13.70 14.70 14.40
CA ALA B 130 -15.01 15.31 14.26
C ALA B 130 -14.84 16.81 14.06
N PRO B 131 -15.76 17.46 13.36
CA PRO B 131 -15.63 18.91 13.14
C PRO B 131 -15.72 19.71 14.44
N CYS B 132 -15.13 20.89 14.40
CA CYS B 132 -15.05 21.72 15.60
C CYS B 132 -16.44 22.07 16.11
N CYS B 133 -16.56 22.14 17.44
CA CYS B 133 -17.85 22.38 18.10
C CYS B 133 -18.58 23.60 17.54
N GLY B 134 -17.86 24.55 16.97
CA GLY B 134 -18.49 25.63 16.23
C GLY B 134 -19.00 25.21 14.86
N ASP B 135 -20.27 24.85 14.78
CA ASP B 135 -20.89 24.47 13.51
C ASP B 135 -20.74 25.60 12.50
N SER B 139 -26.34 17.61 8.98
CA SER B 139 -26.82 16.23 8.98
C SER B 139 -25.86 15.34 8.20
N THR B 140 -25.29 15.90 7.13
CA THR B 140 -24.22 15.25 6.38
C THR B 140 -22.88 15.75 6.91
N VAL B 141 -22.07 14.84 7.45
CA VAL B 141 -20.82 15.19 8.08
C VAL B 141 -19.81 14.10 7.80
N THR B 142 -18.55 14.49 7.63
CA THR B 142 -17.45 13.54 7.56
C THR B 142 -16.85 13.38 8.95
N LEU B 143 -16.73 12.13 9.39
CA LEU B 143 -16.09 11.77 10.63
C LEU B 143 -14.94 10.82 10.32
N GLY B 144 -14.12 10.56 11.33
CA GLY B 144 -12.99 9.67 11.12
C GLY B 144 -12.39 9.25 12.45
N CYS B 145 -11.34 8.46 12.34
CA CYS B 145 -10.54 8.04 13.50
CA CYS B 145 -10.53 8.19 13.53
C CYS B 145 -9.07 8.12 13.13
N LEU B 146 -8.27 8.67 14.01
CA LEU B 146 -6.82 8.70 13.87
C LEU B 146 -6.26 7.53 14.67
N VAL B 147 -5.49 6.67 14.02
CA VAL B 147 -4.90 5.49 14.62
C VAL B 147 -3.41 5.77 14.72
N LYS B 148 -2.94 6.09 15.93
CA LYS B 148 -1.64 6.70 16.12
C LYS B 148 -0.72 5.80 16.94
N GLY B 149 0.53 5.69 16.48
CA GLY B 149 1.60 5.16 17.29
C GLY B 149 1.62 3.65 17.48
N TYR B 150 1.37 2.88 16.43
CA TYR B 150 1.42 1.43 16.53
C TYR B 150 2.67 0.88 15.85
N LEU B 151 2.98 -0.36 16.19
CA LEU B 151 4.16 -1.07 15.69
C LEU B 151 4.01 -2.56 15.99
N PRO B 152 4.23 -3.45 15.00
CA PRO B 152 4.50 -3.21 13.58
C PRO B 152 3.22 -3.01 12.77
N GLU B 153 3.35 -2.88 11.45
CA GLU B 153 2.19 -2.92 10.58
C GLU B 153 1.66 -4.35 10.49
N PRO B 154 0.39 -4.54 10.09
CA PRO B 154 -0.62 -3.54 9.73
C PRO B 154 -1.68 -3.32 10.81
N VAL B 155 -2.57 -2.36 10.59
CA VAL B 155 -3.86 -2.29 11.26
C VAL B 155 -4.94 -2.44 10.20
N THR B 156 -6.09 -2.95 10.61
CA THR B 156 -7.29 -2.93 9.78
C THR B 156 -8.31 -2.00 10.42
N VAL B 157 -8.95 -1.17 9.60
CA VAL B 157 -9.98 -0.24 10.04
C VAL B 157 -11.25 -0.53 9.25
N THR B 158 -12.33 -0.79 9.98
CA THR B 158 -13.65 -0.87 9.40
C THR B 158 -14.55 0.14 10.11
N TRP B 159 -15.67 0.46 9.48
CA TRP B 159 -16.68 1.33 10.07
C TRP B 159 -17.97 0.54 10.21
N ASN B 160 -18.51 0.53 11.42
CA ASN B 160 -19.65 -0.31 11.76
C ASN B 160 -19.43 -1.73 11.22
N SER B 161 -18.23 -2.25 11.47
CA SER B 161 -17.83 -3.61 11.10
C SER B 161 -17.84 -3.83 9.59
N GLY B 162 -17.70 -2.77 8.81
CA GLY B 162 -17.64 -2.86 7.37
C GLY B 162 -18.93 -2.52 6.65
N THR B 163 -20.00 -2.26 7.40
CA THR B 163 -21.29 -1.98 6.79
C THR B 163 -21.42 -0.54 6.30
N LEU B 164 -20.49 0.33 6.67
CA LEU B 164 -20.39 1.65 6.08
C LEU B 164 -19.35 1.61 4.96
N THR B 165 -19.71 2.19 3.82
CA THR B 165 -18.84 2.22 2.66
C THR B 165 -18.81 3.57 1.96
N ASN B 166 -19.89 4.36 2.02
CA ASN B 166 -19.92 5.65 1.37
C ASN B 166 -18.82 6.56 1.90
N GLY B 167 -18.00 7.06 0.98
CA GLY B 167 -16.96 8.00 1.33
C GLY B 167 -16.04 7.50 2.43
N VAL B 168 -15.87 6.19 2.51
CA VAL B 168 -14.89 5.61 3.44
C VAL B 168 -13.53 5.66 2.76
N ARG B 169 -12.57 6.33 3.39
CA ARG B 169 -11.22 6.44 2.87
C ARG B 169 -10.25 6.16 4.00
N THR B 170 -9.42 5.15 3.83
CA THR B 170 -8.36 4.82 4.78
C THR B 170 -7.03 5.07 4.10
N PHE B 171 -6.28 5.98 4.66
CA PHE B 171 -5.07 6.47 4.03
C PHE B 171 -3.88 5.58 4.35
N PRO B 172 -2.88 5.53 3.46
CA PRO B 172 -1.70 4.72 3.76
C PRO B 172 -1.03 5.17 5.06
N SER B 173 -0.52 4.20 5.80
CA SER B 173 0.18 4.51 7.02
C SER B 173 1.43 5.33 6.71
N VAL B 174 1.90 6.08 7.70
CA VAL B 174 3.14 6.83 7.59
C VAL B 174 4.04 6.44 8.76
N ARG B 175 5.30 6.14 8.45
CA ARG B 175 6.31 5.85 9.46
C ARG B 175 6.75 7.17 10.08
N GLN B 176 6.40 7.37 11.35
CA GLN B 176 6.71 8.60 12.05
C GLN B 176 8.18 8.65 12.44
N SER B 177 8.63 9.84 12.83
CA SER B 177 10.04 10.04 13.18
C SER B 177 10.47 9.18 14.36
N SER B 178 9.52 8.67 15.15
CA SER B 178 9.83 7.78 16.26
C SER B 178 9.99 6.33 15.81
N GLY B 179 9.72 6.02 14.55
CA GLY B 179 9.67 4.66 14.08
C GLY B 179 8.29 4.03 14.14
N LEU B 180 7.37 4.64 14.88
CA LEU B 180 6.00 4.15 14.99
C LEU B 180 5.18 4.59 13.78
N TYR B 181 4.10 3.85 13.52
CA TYR B 181 3.23 4.12 12.40
C TYR B 181 1.99 4.87 12.85
N SER B 182 1.38 5.58 11.90
CA SER B 182 0.09 6.20 12.08
C SER B 182 -0.67 6.16 10.77
N LEU B 183 -1.99 6.04 10.88
CA LEU B 183 -2.85 6.28 9.74
C LEU B 183 -4.16 6.88 10.25
N SER B 184 -4.97 7.33 9.30
CA SER B 184 -6.27 7.89 9.61
C SER B 184 -7.26 7.34 8.61
N SER B 185 -8.54 7.44 8.97
CA SER B 185 -9.62 6.93 8.15
C SER B 185 -10.85 7.80 8.37
N VAL B 186 -11.53 8.15 7.29
CA VAL B 186 -12.69 9.03 7.35
C VAL B 186 -13.88 8.33 6.69
N VAL B 187 -15.08 8.73 7.11
CA VAL B 187 -16.32 8.20 6.57
C VAL B 187 -17.31 9.34 6.44
N SER B 188 -18.15 9.27 5.41
CA SER B 188 -19.19 10.25 5.16
C SER B 188 -20.52 9.68 5.66
N VAL B 189 -21.11 10.33 6.65
CA VAL B 189 -22.27 9.81 7.35
C VAL B 189 -23.45 10.76 7.18
N THR B 190 -24.65 10.21 7.30
CA THR B 190 -25.87 10.96 7.08
C THR B 190 -27.00 10.45 7.97
N SER B 193 -29.14 8.81 10.87
CA SER B 193 -28.77 8.78 12.28
C SER B 193 -28.34 7.39 12.71
N GLN B 194 -27.06 7.28 13.08
CA GLN B 194 -26.48 6.03 13.53
C GLN B 194 -25.38 6.36 14.51
N PRO B 195 -25.15 5.53 15.54
CA PRO B 195 -23.87 5.57 16.23
C PRO B 195 -22.78 4.99 15.34
N VAL B 196 -21.91 5.84 14.79
CA VAL B 196 -20.86 5.38 13.91
C VAL B 196 -19.65 5.01 14.75
N THR B 197 -19.14 3.81 14.53
CA THR B 197 -18.06 3.23 15.32
C THR B 197 -16.98 2.80 14.35
N CYS B 198 -15.75 3.21 14.61
CA CYS B 198 -14.63 2.71 13.84
C CYS B 198 -13.96 1.58 14.62
N ASN B 199 -13.79 0.45 13.95
CA ASN B 199 -13.23 -0.75 14.54
C ASN B 199 -11.80 -0.90 14.04
N VAL B 200 -10.85 -0.89 14.96
CA VAL B 200 -9.44 -0.93 14.65
C VAL B 200 -8.87 -2.21 15.25
N ALA B 201 -8.14 -2.97 14.43
CA ALA B 201 -7.49 -4.20 14.85
C ALA B 201 -6.01 -4.12 14.54
N HIS B 202 -5.20 -4.52 15.51
CA HIS B 202 -3.75 -4.61 15.38
C HIS B 202 -3.38 -6.08 15.57
N PRO B 203 -3.32 -6.88 14.50
CA PRO B 203 -3.15 -8.32 14.69
C PRO B 203 -1.90 -8.71 15.47
N ALA B 204 -0.80 -7.98 15.32
CA ALA B 204 0.45 -8.42 15.94
C ALA B 204 0.36 -8.48 17.46
N THR B 205 -0.45 -7.62 18.07
CA THR B 205 -0.70 -7.66 19.51
C THR B 205 -2.08 -8.20 19.85
N ASN B 206 -2.81 -8.68 18.84
CA ASN B 206 -4.17 -9.20 19.02
C ASN B 206 -5.05 -8.19 19.74
N THR B 207 -4.87 -6.91 19.40
CA THR B 207 -5.64 -5.82 19.98
C THR B 207 -6.77 -5.41 19.06
N LYS B 208 -7.94 -5.17 19.64
CA LYS B 208 -9.12 -4.67 18.93
C LYS B 208 -9.68 -3.50 19.71
N VAL B 209 -9.81 -2.35 19.06
CA VAL B 209 -10.39 -1.15 19.65
C VAL B 209 -11.66 -0.78 18.88
N ASP B 210 -12.69 -0.36 19.61
CA ASP B 210 -13.92 0.14 19.04
C ASP B 210 -14.19 1.52 19.62
N LYS B 211 -14.20 2.54 18.77
CA LYS B 211 -14.40 3.92 19.19
C LYS B 211 -15.64 4.47 18.52
N THR B 212 -16.61 4.89 19.32
CA THR B 212 -17.76 5.59 18.80
C THR B 212 -17.37 7.04 18.59
N VAL B 213 -17.70 7.58 17.41
CA VAL B 213 -17.31 8.93 17.04
C VAL B 213 -18.54 9.84 17.11
N ALA B 214 -18.48 10.84 17.99
CA ALA B 214 -19.56 11.83 18.12
C ALA B 214 -19.51 12.82 16.96
N PRO B 215 -20.66 13.43 16.61
CA PRO B 215 -20.70 14.27 15.40
C PRO B 215 -19.86 15.52 15.46
N SER B 216 -19.44 15.98 16.65
CA SER B 216 -18.59 17.15 16.78
C SER B 216 -17.67 16.96 17.98
N THR B 217 -16.79 17.94 18.21
CA THR B 217 -15.93 17.92 19.39
C THR B 217 -16.63 18.46 20.63
N CYS B 218 -17.89 18.88 20.53
CA CYS B 218 -18.61 19.37 21.69
C CYS B 218 -18.67 18.30 22.78
N SER B 219 -18.62 18.76 24.04
CA SER B 219 -18.61 17.89 25.21
C SER B 219 -19.98 17.34 25.57
N HIS B 220 -21.04 17.79 24.91
CA HIS B 220 -22.41 17.46 25.31
C HIS B 220 -22.95 16.20 24.65
N HIS B 221 -22.14 15.49 23.88
CA HIS B 221 -22.66 14.37 23.08
C HIS B 221 -22.77 13.08 23.90
N ALA C 3 8.49 -28.44 -20.75
CA ALA C 3 8.50 -28.07 -19.35
C ALA C 3 7.99 -26.63 -19.15
N GLY C 4 7.02 -26.47 -18.25
CA GLY C 4 6.39 -25.18 -18.01
C GLY C 4 7.33 -24.15 -17.39
N ALA C 6 11.66 -23.56 -15.73
CA ALA C 6 13.05 -23.99 -15.68
C ALA C 6 13.32 -24.74 -14.38
N GLY C 7 14.54 -25.28 -14.25
CA GLY C 7 14.96 -25.95 -13.05
C GLY C 7 14.29 -27.27 -12.75
N ALA C 8 13.53 -27.83 -13.70
CA ALA C 8 12.91 -29.12 -13.46
C ALA C 8 13.89 -30.28 -13.49
N GLY C 9 15.13 -30.05 -13.94
CA GLY C 9 16.16 -31.06 -13.89
C GLY C 9 16.00 -32.15 -14.93
#